data_3FZ4
#
_entry.id   3FZ4
#
_cell.length_a   31.857
_cell.length_b   41.357
_cell.length_c   76.795
_cell.angle_alpha   90.00
_cell.angle_beta   90.00
_cell.angle_gamma   90.00
#
_symmetry.space_group_name_H-M   'P 21 21 21'
#
loop_
_entity.id
_entity.type
_entity.pdbx_description
1 polymer 'Putative arsenate reductase'
2 non-polymer 'SODIUM ION'
3 non-polymer 1,2-ETHANEDIOL
4 non-polymer 'FORMIC ACID'
5 water water
#
_entity_poly.entity_id   1
_entity_poly.type   'polypeptide(L)'
_entity_poly.pdbx_seq_one_letter_code
;SNA(MSE)LTFYEYPKCSTCRRAKAELDDLAWDYDAIDIKKNPPAASLIRNWLENSGLELKKFFNTSGQSYRALGLKDKL
HQLSLDEAANLLASDG(MSE)LIKRPLLVKEGKIVQIGYRTAYEDLDF
;
_entity_poly.pdbx_strand_id   A
#
# COMPACT_ATOMS: atom_id res chain seq x y z
N ASN A 2 2.20 4.72 -19.63
CA ASN A 2 1.88 4.35 -18.22
CA ASN A 2 1.88 4.37 -18.22
C ASN A 2 3.13 4.12 -17.38
N ALA A 3 3.21 4.83 -16.26
CA ALA A 3 4.42 4.91 -15.44
C ALA A 3 4.80 3.53 -14.86
N LEU A 5 6.11 3.26 -12.04
CA LEU A 5 5.74 3.41 -10.61
C LEU A 5 4.30 3.78 -10.42
N THR A 6 3.64 3.03 -9.54
CA THR A 6 2.28 3.33 -9.09
C THR A 6 2.36 3.70 -7.58
N PHE A 7 1.75 4.83 -7.24
CA PHE A 7 1.79 5.38 -5.88
C PHE A 7 0.37 5.43 -5.34
N TYR A 8 0.09 4.58 -4.35
CA TYR A 8 -1.24 4.54 -3.75
C TYR A 8 -1.28 5.46 -2.53
N GLU A 9 -2.26 6.35 -2.48
CA GLU A 9 -2.29 7.41 -1.47
C GLU A 9 -3.73 7.71 -1.10
N TYR A 10 -3.91 8.64 -0.18
CA TYR A 10 -5.23 9.08 0.28
C TYR A 10 -5.10 10.54 0.72
N PRO A 11 -6.16 11.38 0.55
CA PRO A 11 -6.00 12.80 0.90
C PRO A 11 -5.67 13.05 2.36
N LYS A 12 -6.30 12.33 3.28
CA LYS A 12 -6.03 12.51 4.72
C LYS A 12 -4.96 11.52 5.12
N CYS A 13 -3.74 11.83 4.74
CA CYS A 13 -2.64 10.90 4.96
C CYS A 13 -1.37 11.72 4.94
N SER A 14 -0.86 12.02 6.13
CA SER A 14 0.31 12.88 6.16
C SER A 14 1.57 12.21 5.59
N THR A 15 1.69 10.90 5.79
CA THR A 15 2.88 10.20 5.26
CA THR A 15 2.85 10.22 5.31
C THR A 15 2.81 10.17 3.76
N CYS A 16 1.60 10.01 3.20
CA CYS A 16 1.46 10.06 1.75
C CYS A 16 1.88 11.41 1.16
N ARG A 17 1.56 12.49 1.85
CA ARG A 17 1.92 13.80 1.35
CA ARG A 17 1.93 13.82 1.39
C ARG A 17 3.46 13.97 1.33
N ARG A 18 4.14 13.51 2.37
CA ARG A 18 5.60 13.54 2.44
CA ARG A 18 5.59 13.60 2.39
C ARG A 18 6.22 12.72 1.31
N ALA A 19 5.69 11.50 1.14
CA ALA A 19 6.23 10.59 0.14
C ALA A 19 6.04 11.18 -1.27
N LYS A 20 4.85 11.75 -1.53
CA LYS A 20 4.58 12.33 -2.86
C LYS A 20 5.51 13.53 -3.11
N ALA A 21 5.76 14.32 -2.08
CA ALA A 21 6.69 15.44 -2.23
C ALA A 21 8.06 14.91 -2.63
N GLU A 22 8.52 13.79 -2.03
CA GLU A 22 9.82 13.25 -2.42
C GLU A 22 9.82 12.77 -3.87
N LEU A 23 8.75 12.06 -4.29
CA LEU A 23 8.67 11.66 -5.70
C LEU A 23 8.76 12.86 -6.63
N ASP A 24 8.10 13.95 -6.26
CA ASP A 24 8.16 15.16 -7.08
C ASP A 24 9.58 15.75 -7.11
N ASP A 25 10.25 15.78 -5.95
CA ASP A 25 11.60 16.31 -5.85
CA ASP A 25 11.62 16.30 -5.82
C ASP A 25 12.58 15.48 -6.68
N LEU A 26 12.36 14.16 -6.73
CA LEU A 26 13.22 13.25 -7.48
CA LEU A 26 13.20 13.23 -7.49
C LEU A 26 12.90 13.32 -8.98
N ALA A 27 11.71 13.82 -9.33
CA ALA A 27 11.22 13.83 -10.70
C ALA A 27 11.13 12.41 -11.27
N TRP A 28 10.77 11.47 -10.39
CA TRP A 28 10.45 10.12 -10.84
C TRP A 28 9.04 10.09 -11.45
N ASP A 29 8.85 9.37 -12.55
CA ASP A 29 7.51 9.21 -13.08
CA ASP A 29 7.53 9.16 -13.13
C ASP A 29 6.69 8.29 -12.20
N TYR A 30 5.50 8.73 -11.85
CA TYR A 30 4.60 7.87 -11.10
C TYR A 30 3.15 8.18 -11.47
N ASP A 31 2.29 7.19 -11.25
CA ASP A 31 0.84 7.32 -11.38
CA ASP A 31 0.84 7.39 -11.37
C ASP A 31 0.25 7.28 -9.98
N ALA A 32 -0.36 8.37 -9.53
CA ALA A 32 -0.96 8.43 -8.20
C ALA A 32 -2.38 7.88 -8.29
N ILE A 33 -2.69 6.95 -7.39
CA ILE A 33 -4.02 6.34 -7.33
C ILE A 33 -4.59 6.49 -5.94
N ASP A 34 -5.87 6.85 -5.84
CA ASP A 34 -6.50 6.96 -4.52
C ASP A 34 -6.87 5.57 -4.04
N ILE A 35 -6.28 5.16 -2.92
CA ILE A 35 -6.40 3.81 -2.44
C ILE A 35 -7.81 3.47 -1.96
N LYS A 36 -8.59 4.47 -1.55
CA LYS A 36 -9.97 4.23 -1.16
CA LYS A 36 -9.98 4.25 -1.17
C LYS A 36 -10.86 4.11 -2.41
N LYS A 37 -10.71 5.03 -3.36
CA LYS A 37 -11.58 5.01 -4.53
C LYS A 37 -11.27 3.85 -5.47
N ASN A 38 -9.99 3.49 -5.57
CA ASN A 38 -9.51 2.54 -6.55
CA ASN A 38 -9.51 2.50 -6.57
C ASN A 38 -8.42 1.63 -5.98
N PRO A 39 -8.78 0.83 -4.96
CA PRO A 39 -7.74 0.00 -4.35
C PRO A 39 -7.19 -1.03 -5.33
N PRO A 40 -5.98 -1.55 -5.08
CA PRO A 40 -5.45 -2.61 -5.93
C PRO A 40 -6.36 -3.86 -5.94
N ALA A 41 -6.30 -4.59 -7.06
CA ALA A 41 -7.10 -5.79 -7.24
C ALA A 41 -6.65 -6.89 -6.28
N ALA A 42 -7.58 -7.75 -5.93
CA ALA A 42 -7.31 -8.84 -5.01
C ALA A 42 -6.22 -9.74 -5.55
N SER A 43 -6.23 -10.06 -6.84
CA SER A 43 -5.19 -10.94 -7.37
C SER A 43 -3.79 -10.32 -7.21
N LEU A 44 -3.73 -9.00 -7.40
CA LEU A 44 -2.47 -8.26 -7.28
C LEU A 44 -2.00 -8.25 -5.82
N ILE A 45 -2.91 -7.95 -4.91
CA ILE A 45 -2.57 -7.97 -3.49
C ILE A 45 -2.11 -9.37 -3.12
N ARG A 46 -2.81 -10.40 -3.61
CA ARG A 46 -2.41 -11.76 -3.27
C ARG A 46 -0.97 -12.05 -3.71
N ASN A 47 -0.59 -11.57 -4.89
CA ASN A 47 0.77 -11.77 -5.34
CA ASN A 47 0.78 -11.73 -5.38
C ASN A 47 1.77 -11.11 -4.39
N TRP A 48 1.48 -9.91 -3.91
CA TRP A 48 2.35 -9.26 -2.95
C TRP A 48 2.41 -10.09 -1.68
N LEU A 49 1.28 -10.55 -1.18
CA LEU A 49 1.28 -11.28 0.09
C LEU A 49 2.10 -12.55 -0.01
N GLU A 50 2.01 -13.21 -1.17
CA GLU A 50 2.71 -14.47 -1.38
C GLU A 50 4.20 -14.32 -1.60
N ASN A 51 4.60 -13.27 -2.31
CA ASN A 51 5.96 -13.20 -2.87
C ASN A 51 6.86 -12.13 -2.36
N SER A 52 6.31 -11.17 -1.62
CA SER A 52 7.13 -10.08 -1.11
C SER A 52 8.08 -10.46 0.03
N GLY A 53 7.77 -11.54 0.73
CA GLY A 53 8.51 -11.89 1.93
C GLY A 53 8.12 -11.07 3.14
N LEU A 54 7.16 -10.16 2.99
CA LEU A 54 6.75 -9.27 4.08
C LEU A 54 5.63 -9.93 4.85
N GLU A 55 5.63 -9.79 6.17
CA GLU A 55 4.59 -10.39 7.00
CA GLU A 55 4.58 -10.42 6.97
C GLU A 55 3.22 -9.76 6.72
N LEU A 56 2.17 -10.53 6.88
CA LEU A 56 0.81 -10.13 6.54
C LEU A 56 0.41 -8.81 7.17
N LYS A 57 0.73 -8.63 8.45
CA LYS A 57 0.27 -7.45 9.15
C LYS A 57 0.85 -6.15 8.57
N LYS A 58 2.00 -6.25 7.89
CA LYS A 58 2.62 -5.09 7.28
C LYS A 58 1.77 -4.46 6.17
N PHE A 59 0.83 -5.23 5.63
CA PHE A 59 -0.06 -4.72 4.60
C PHE A 59 -1.30 -4.05 5.11
N PHE A 60 -1.56 -4.11 6.41
CA PHE A 60 -2.76 -3.55 6.98
C PHE A 60 -2.55 -2.21 7.65
N ASN A 61 -3.59 -1.40 7.54
CA ASN A 61 -3.61 -0.08 8.17
C ASN A 61 -4.06 -0.26 9.62
N THR A 62 -3.13 -0.67 10.46
CA THR A 62 -3.44 -1.08 11.83
C THR A 62 -3.87 0.07 12.74
N SER A 63 -3.54 1.31 12.33
CA SER A 63 -3.96 2.49 13.10
C SER A 63 -5.31 3.03 12.64
N GLY A 64 -5.94 2.40 11.64
CA GLY A 64 -7.17 2.90 11.07
C GLY A 64 -8.41 2.36 11.73
N GLN A 65 -9.50 3.05 11.51
CA GLN A 65 -10.81 2.67 12.03
C GLN A 65 -11.31 1.32 11.54
N SER A 66 -11.16 1.03 10.25
CA SER A 66 -11.67 -0.23 9.68
C SER A 66 -11.05 -1.42 10.38
N TYR A 67 -9.75 -1.35 10.59
CA TYR A 67 -9.01 -2.43 11.21
C TYR A 67 -9.47 -2.66 12.65
N ARG A 68 -9.68 -1.57 13.39
CA ARG A 68 -10.07 -1.60 14.81
C ARG A 68 -11.50 -2.08 14.94
N ALA A 69 -12.37 -1.54 14.11
CA ALA A 69 -13.79 -1.83 14.18
C ALA A 69 -14.06 -3.29 13.87
N LEU A 70 -13.20 -3.88 13.04
CA LEU A 70 -13.32 -5.28 12.66
C LEU A 70 -12.56 -6.27 13.56
N GLY A 71 -11.78 -5.76 14.52
CA GLY A 71 -11.02 -6.63 15.42
C GLY A 71 -10.02 -7.53 14.72
N LEU A 72 -9.44 -7.02 13.64
CA LEU A 72 -8.44 -7.79 12.91
C LEU A 72 -7.23 -8.21 13.75
N LYS A 73 -6.97 -7.47 14.84
CA LYS A 73 -5.95 -7.86 15.78
CA LYS A 73 -5.97 -7.85 15.83
C LYS A 73 -6.09 -9.35 16.16
N ASP A 74 -7.32 -9.76 16.49
CA ASP A 74 -7.63 -11.13 16.93
C ASP A 74 -7.69 -12.12 15.78
N LYS A 75 -8.00 -11.60 14.58
CA LYS A 75 -8.44 -12.44 13.49
C LYS A 75 -7.35 -12.70 12.48
N LEU A 76 -6.35 -11.82 12.42
CA LEU A 76 -5.32 -11.84 11.38
C LEU A 76 -4.57 -13.15 11.29
N HIS A 77 -4.18 -13.71 12.43
CA HIS A 77 -3.45 -14.98 12.42
C HIS A 77 -4.28 -16.15 11.88
N GLN A 78 -5.60 -15.98 11.78
CA GLN A 78 -6.45 -17.04 11.26
C GLN A 78 -6.68 -16.96 9.75
N LEU A 79 -6.32 -15.83 9.13
CA LEU A 79 -6.68 -15.59 7.74
C LEU A 79 -5.75 -16.32 6.82
N SER A 80 -6.28 -16.95 5.78
CA SER A 80 -5.44 -17.39 4.68
C SER A 80 -5.05 -16.15 3.86
N LEU A 81 -4.05 -16.32 3.01
CA LEU A 81 -3.65 -15.21 2.17
C LEU A 81 -4.76 -14.86 1.12
N ASP A 82 -5.49 -15.86 0.62
CA ASP A 82 -6.66 -15.53 -0.24
C ASP A 82 -7.69 -14.70 0.54
N GLU A 83 -7.99 -15.10 1.77
CA GLU A 83 -8.94 -14.38 2.63
C GLU A 83 -8.43 -12.96 2.87
N ALA A 84 -7.15 -12.82 3.21
CA ALA A 84 -6.57 -11.51 3.52
C ALA A 84 -6.58 -10.62 2.27
N ALA A 85 -6.24 -11.18 1.11
CA ALA A 85 -6.22 -10.38 -0.12
C ALA A 85 -7.63 -9.88 -0.46
N ASN A 86 -8.64 -10.72 -0.25
CA ASN A 86 -10.04 -10.36 -0.49
CA ASN A 86 -9.99 -10.27 -0.57
C ASN A 86 -10.49 -9.22 0.43
N LEU A 87 -10.12 -9.36 1.70
CA LEU A 87 -10.43 -8.37 2.71
CA LEU A 87 -10.46 -8.36 2.70
C LEU A 87 -9.81 -7.02 2.34
N LEU A 88 -8.51 -7.02 2.09
CA LEU A 88 -7.81 -5.80 1.70
C LEU A 88 -8.42 -5.17 0.43
N ALA A 89 -8.74 -6.01 -0.56
CA ALA A 89 -9.26 -5.50 -1.83
C ALA A 89 -10.64 -4.88 -1.65
N SER A 90 -11.35 -5.33 -0.60
CA SER A 90 -12.75 -4.92 -0.38
C SER A 90 -12.88 -3.54 0.24
N ASP A 91 -11.79 -3.03 0.83
CA ASP A 91 -11.86 -1.73 1.53
C ASP A 91 -10.47 -1.14 1.56
N GLY A 92 -10.22 -0.16 0.69
CA GLY A 92 -8.93 0.48 0.66
C GLY A 92 -8.47 1.08 1.97
N LEU A 94 -8.49 -0.32 4.72
CA LEU A 94 -7.82 -1.41 5.46
CA LEU A 94 -7.83 -1.38 5.47
C LEU A 94 -6.37 -1.57 5.09
N ILE A 95 -5.97 -0.99 3.95
CA ILE A 95 -4.64 -1.24 3.40
C ILE A 95 -3.65 -0.18 3.94
N LYS A 96 -2.45 -0.61 4.32
CA LYS A 96 -1.40 0.31 4.73
CA LYS A 96 -1.44 0.35 4.75
C LYS A 96 -1.13 1.29 3.58
N ARG A 97 -0.87 2.55 3.90
CA ARG A 97 -0.57 3.54 2.86
C ARG A 97 0.54 4.46 3.37
N PRO A 98 1.30 5.08 2.48
CA PRO A 98 1.29 4.84 1.03
C PRO A 98 1.84 3.49 0.62
N LEU A 99 1.60 3.13 -0.64
CA LEU A 99 2.28 1.99 -1.26
C LEU A 99 2.96 2.49 -2.50
N LEU A 100 4.18 2.00 -2.72
CA LEU A 100 4.90 2.23 -3.97
C LEU A 100 5.11 0.91 -4.66
N VAL A 101 4.70 0.85 -5.92
CA VAL A 101 4.62 -0.37 -6.71
C VAL A 101 5.36 -0.12 -8.00
N LYS A 102 6.18 -1.08 -8.42
CA LYS A 102 6.95 -0.94 -9.67
CA LYS A 102 6.97 -0.96 -9.65
C LYS A 102 6.62 -2.11 -10.56
N GLU A 103 6.03 -1.81 -11.73
CA GLU A 103 5.62 -2.86 -12.67
C GLU A 103 4.85 -3.98 -11.96
N GLY A 104 3.92 -3.57 -11.11
CA GLY A 104 3.06 -4.54 -10.43
C GLY A 104 3.62 -5.15 -9.16
N LYS A 105 4.89 -4.89 -8.85
CA LYS A 105 5.58 -5.51 -7.72
C LYS A 105 5.64 -4.51 -6.56
N ILE A 106 5.26 -4.93 -5.36
CA ILE A 106 5.33 -4.02 -4.22
C ILE A 106 6.80 -3.75 -3.95
N VAL A 107 7.17 -2.47 -3.85
CA VAL A 107 8.57 -2.13 -3.52
CA VAL A 107 8.56 -2.08 -3.57
C VAL A 107 8.74 -1.37 -2.23
N GLN A 108 7.69 -0.71 -1.74
CA GLN A 108 7.77 -0.11 -0.41
C GLN A 108 6.39 0.07 0.16
N ILE A 109 6.19 -0.40 1.40
CA ILE A 109 4.95 -0.14 2.14
C ILE A 109 5.23 0.93 3.19
N GLY A 110 4.34 1.92 3.29
CA GLY A 110 4.53 3.01 4.26
C GLY A 110 5.70 3.91 3.88
N TYR A 111 6.13 4.73 4.81
CA TYR A 111 7.13 5.74 4.51
C TYR A 111 8.09 5.89 5.70
N ARG A 112 8.71 4.78 6.09
CA ARG A 112 9.67 4.79 7.19
C ARG A 112 11.05 5.20 6.76
N THR A 113 11.33 5.08 5.46
CA THR A 113 12.63 5.38 4.87
C THR A 113 12.37 6.13 3.57
N ALA A 114 13.31 6.96 3.15
CA ALA A 114 13.18 7.77 1.92
C ALA A 114 13.16 6.88 0.68
N TYR A 115 12.32 7.24 -0.29
CA TYR A 115 12.24 6.48 -1.53
C TYR A 115 13.56 6.50 -2.30
N GLU A 116 14.33 7.55 -2.17
CA GLU A 116 15.56 7.63 -2.94
C GLU A 116 16.47 6.44 -2.68
N ASP A 117 16.40 5.90 -1.46
CA ASP A 117 17.19 4.71 -1.05
C ASP A 117 16.90 3.50 -1.98
N LEU A 118 15.73 3.43 -2.60
CA LEU A 118 15.37 2.31 -3.48
C LEU A 118 16.28 2.24 -4.72
N ASP A 119 16.79 3.40 -5.14
CA ASP A 119 17.82 3.52 -6.17
C ASP A 119 17.34 3.10 -7.54
N PHE A 120 16.15 3.56 -7.92
CA PHE A 120 15.62 3.24 -9.23
C PHE A 120 16.26 4.12 -10.28
#